data_8D28
#
_entry.id   8D28
#
_cell.length_a   23.074
_cell.length_b   29.561
_cell.length_c   80.397
_cell.angle_alpha   95.730
_cell.angle_beta   90.090
_cell.angle_gamma   109.580
#
_symmetry.space_group_name_H-M   'P 1'
#
loop_
_entity.id
_entity.type
_entity.pdbx_description
1 polymer 'RNA (33-MER)'
2 non-polymer THEOPHYLLINE
3 non-polymer 'MAGNESIUM ION'
4 non-polymer 'SODIUM ION'
5 water water
#
_entity_poly.entity_id   1
_entity_poly.type   'polyribonucleotide'
_entity_poly.pdbx_seq_one_letter_code
;GGCGAUACCAGCCGAAAGGCCCUUGGCAGCGCC
;
_entity_poly.pdbx_strand_id   B,A
#